data_6JUV
#
_entry.id   6JUV
#
_cell.length_a   92.300
_cell.length_b   92.300
_cell.length_c   111.817
_cell.angle_alpha   90.000
_cell.angle_beta   90.000
_cell.angle_gamma   90.000
#
_symmetry.space_group_name_H-M   'P 41 2 2'
#
loop_
_entity.id
_entity.type
_entity.pdbx_description
1 polymer 'Segregation and condensation protein B'
2 non-polymer 'CHLORIDE ION'
3 water water
#
_entity_poly.entity_id   1
_entity_poly.type   'polypeptide(L)'
_entity_poly.pdbx_seq_one_letter_code
;GH(MSE)GVDGLLEDKALVEAALFVAGRPLSLKELSKALGIKSLEYLEKLIELIASEYEERKSAIEVVKVLGDKWV
(MSE)QLKQEYSQKVIHL(MSE)PKPELRAGELKTLALIAYLQPVEQSKIIKLRGSQAYEHIKKLLE(MSE)GLIYAEPY
ERTKLLGTTQKFAELYGFPENDPELIKEAFKKVIHSEYADL(MSE)EKIEKNNRKDKREEA
;
_entity_poly.pdbx_strand_id   A,B
#
loop_
_chem_comp.id
_chem_comp.type
_chem_comp.name
_chem_comp.formula
CL non-polymer 'CHLORIDE ION' 'Cl -1'
#
# COMPACT_ATOMS: atom_id res chain seq x y z
N VAL A 5 -36.43 -13.72 -22.34
CA VAL A 5 -35.54 -14.77 -21.84
C VAL A 5 -35.59 -14.83 -20.31
N ASP A 6 -36.78 -14.63 -19.74
CA ASP A 6 -36.98 -14.71 -18.29
C ASP A 6 -37.50 -16.09 -17.91
N GLY A 7 -36.68 -17.10 -18.18
CA GLY A 7 -37.11 -18.48 -18.14
C GLY A 7 -37.32 -19.01 -16.72
N LEU A 8 -37.58 -20.33 -16.66
CA LEU A 8 -37.81 -20.99 -15.39
C LEU A 8 -36.49 -21.38 -14.72
N LEU A 9 -35.52 -21.86 -15.49
CA LEU A 9 -34.21 -22.20 -14.94
C LEU A 9 -33.49 -20.98 -14.40
N GLU A 10 -33.91 -19.78 -14.81
CA GLU A 10 -33.36 -18.55 -14.25
C GLU A 10 -34.11 -18.08 -13.02
N ASP A 11 -35.42 -18.33 -12.96
CA ASP A 11 -36.15 -18.16 -11.70
C ASP A 11 -35.55 -19.05 -10.62
N LYS A 12 -35.31 -20.32 -10.92
CA LYS A 12 -34.77 -21.25 -9.93
C LYS A 12 -33.33 -20.90 -9.56
N ALA A 13 -32.51 -20.55 -10.55
CA ALA A 13 -31.13 -20.16 -10.27
C ALA A 13 -31.06 -18.91 -9.41
N LEU A 14 -32.07 -18.04 -9.52
CA LEU A 14 -32.10 -16.85 -8.67
C LEU A 14 -32.50 -17.21 -7.24
N VAL A 15 -33.39 -18.19 -7.08
CA VAL A 15 -33.80 -18.60 -5.73
C VAL A 15 -32.60 -19.13 -4.96
N GLU A 16 -31.84 -20.05 -5.57
CA GLU A 16 -30.70 -20.64 -4.88
C GLU A 16 -29.59 -19.62 -4.64
N ALA A 17 -29.47 -18.63 -5.51
CA ALA A 17 -28.47 -17.57 -5.30
C ALA A 17 -28.82 -16.74 -4.07
N ALA A 18 -30.11 -16.53 -3.81
CA ALA A 18 -30.53 -15.79 -2.63
C ALA A 18 -30.28 -16.61 -1.36
N LEU A 19 -30.57 -17.92 -1.41
CA LEU A 19 -30.31 -18.77 -0.25
C LEU A 19 -28.82 -18.90 0.03
N PHE A 20 -27.98 -18.82 -1.01
CA PHE A 20 -26.54 -18.85 -0.80
C PHE A 20 -26.05 -17.58 -0.12
N VAL A 21 -26.47 -16.42 -0.62
CA VAL A 21 -25.91 -15.16 -0.15
C VAL A 21 -26.53 -14.70 1.16
N ALA A 22 -27.70 -15.21 1.52
CA ALA A 22 -28.35 -14.79 2.75
C ALA A 22 -27.74 -15.46 3.98
N GLY A 23 -27.61 -16.79 3.93
CA GLY A 23 -27.15 -17.55 5.07
C GLY A 23 -28.09 -17.58 6.25
N ARG A 24 -29.18 -16.83 6.22
CA ARG A 24 -30.15 -16.72 7.29
C ARG A 24 -31.50 -17.25 6.82
N PRO A 25 -32.40 -17.58 7.75
CA PRO A 25 -33.76 -18.00 7.35
C PRO A 25 -34.50 -16.89 6.61
N LEU A 26 -35.24 -17.29 5.58
CA LEU A 26 -36.06 -16.37 4.82
C LEU A 26 -37.34 -17.10 4.41
N SER A 27 -38.46 -16.38 4.46
CA SER A 27 -39.76 -16.95 4.14
C SER A 27 -40.12 -16.69 2.68
N LEU A 28 -41.15 -17.39 2.21
CA LEU A 28 -41.62 -17.20 0.85
C LEU A 28 -42.13 -15.78 0.65
N LYS A 29 -42.88 -15.25 1.61
CA LYS A 29 -43.33 -13.87 1.54
C LYS A 29 -42.18 -12.88 1.59
N GLU A 30 -41.03 -13.28 2.14
CA GLU A 30 -39.86 -12.41 2.14
C GLU A 30 -39.12 -12.49 0.80
N LEU A 31 -38.89 -13.71 0.31
CA LEU A 31 -38.26 -13.87 -1.00
C LEU A 31 -39.12 -13.28 -2.11
N SER A 32 -40.45 -13.30 -1.94
CA SER A 32 -41.34 -12.78 -2.97
C SER A 32 -41.06 -11.31 -3.25
N LYS A 33 -40.69 -10.55 -2.23
CA LYS A 33 -40.43 -9.13 -2.41
C LYS A 33 -39.09 -8.88 -3.08
N ALA A 34 -38.01 -9.47 -2.53
CA ALA A 34 -36.67 -9.23 -3.06
C ALA A 34 -36.50 -9.89 -4.41
N LEU A 35 -36.85 -11.18 -4.51
CA LEU A 35 -36.67 -11.91 -5.77
C LEU A 35 -37.63 -11.41 -6.84
N GLY A 36 -38.84 -11.02 -6.44
CA GLY A 36 -39.83 -10.55 -7.39
C GLY A 36 -40.75 -11.60 -7.96
N ILE A 37 -40.89 -12.75 -7.30
CA ILE A 37 -41.83 -13.76 -7.74
C ILE A 37 -43.21 -13.41 -7.21
N LYS A 38 -44.24 -13.62 -8.02
CA LYS A 38 -45.61 -13.29 -7.64
C LYS A 38 -46.26 -14.46 -6.90
N SER A 39 -46.55 -15.53 -7.64
CA SER A 39 -47.22 -16.70 -7.08
C SER A 39 -46.30 -17.40 -6.09
N LEU A 40 -46.64 -17.34 -4.80
CA LEU A 40 -45.91 -18.08 -3.78
C LEU A 40 -46.01 -19.59 -3.99
N GLU A 41 -47.07 -20.06 -4.66
CA GLU A 41 -47.15 -21.47 -5.03
C GLU A 41 -45.99 -21.86 -5.92
N TYR A 42 -45.67 -21.02 -6.91
CA TYR A 42 -44.59 -21.31 -7.84
C TYR A 42 -43.23 -21.18 -7.16
N LEU A 43 -43.06 -20.14 -6.34
CA LEU A 43 -41.79 -19.95 -5.63
C LEU A 43 -41.51 -21.12 -4.69
N GLU A 44 -42.54 -21.58 -3.97
CA GLU A 44 -42.34 -22.71 -3.05
C GLU A 44 -41.93 -23.97 -3.79
N LYS A 45 -42.53 -24.22 -4.96
CA LYS A 45 -42.18 -25.39 -5.75
C LYS A 45 -40.71 -25.38 -6.13
N LEU A 46 -40.15 -24.20 -6.39
CA LEU A 46 -38.74 -24.11 -6.75
C LEU A 46 -37.82 -24.53 -5.61
N ILE A 47 -38.27 -24.37 -4.36
CA ILE A 47 -37.40 -24.64 -3.22
C ILE A 47 -37.45 -26.10 -2.81
N GLU A 48 -38.63 -26.74 -2.87
CA GLU A 48 -38.65 -28.20 -2.72
C GLU A 48 -37.80 -28.85 -3.79
N LEU A 49 -37.85 -28.34 -5.01
CA LEU A 49 -36.97 -28.83 -6.06
C LEU A 49 -35.51 -28.66 -5.65
N ILE A 50 -35.08 -27.40 -5.47
CA ILE A 50 -33.67 -27.12 -5.17
C ILE A 50 -33.21 -27.86 -3.92
N ALA A 51 -34.13 -28.22 -3.04
CA ALA A 51 -33.74 -29.02 -1.87
C ALA A 51 -33.51 -30.48 -2.25
N SER A 52 -34.37 -31.03 -3.11
CA SER A 52 -34.24 -32.44 -3.49
C SER A 52 -33.00 -32.67 -4.34
N GLU A 53 -32.67 -31.71 -5.22
CA GLU A 53 -31.49 -31.86 -6.06
C GLU A 53 -30.21 -31.88 -5.24
N TYR A 54 -30.19 -31.17 -4.10
CA TYR A 54 -29.08 -31.33 -3.16
C TYR A 54 -29.20 -32.61 -2.35
N GLU A 55 -30.42 -33.07 -2.10
CA GLU A 55 -30.62 -34.30 -1.34
C GLU A 55 -30.10 -35.51 -2.11
N GLU A 56 -30.56 -35.68 -3.35
CA GLU A 56 -30.09 -36.79 -4.17
C GLU A 56 -28.61 -36.63 -4.51
N ARG A 57 -28.10 -35.40 -4.50
CA ARG A 57 -26.69 -35.17 -4.78
C ARG A 57 -25.79 -35.72 -3.68
N LYS A 58 -26.34 -35.96 -2.49
CA LYS A 58 -25.56 -36.40 -1.32
C LYS A 58 -24.40 -35.44 -1.05
N SER A 59 -24.70 -34.15 -1.13
CA SER A 59 -23.72 -33.09 -0.94
C SER A 59 -23.74 -32.61 0.51
N ALA A 60 -22.62 -31.99 0.92
CA ALA A 60 -22.50 -31.52 2.28
C ALA A 60 -23.48 -30.40 2.59
N ILE A 61 -23.89 -29.65 1.58
CA ILE A 61 -24.83 -28.56 1.78
C ILE A 61 -26.25 -29.11 1.71
N GLU A 62 -27.17 -28.48 2.45
CA GLU A 62 -28.56 -28.91 2.47
C GLU A 62 -29.46 -27.71 2.61
N VAL A 63 -30.67 -27.83 2.07
CA VAL A 63 -31.68 -26.78 2.13
C VAL A 63 -32.90 -27.36 2.85
N VAL A 64 -33.19 -26.84 4.04
CA VAL A 64 -34.28 -27.32 4.88
C VAL A 64 -35.14 -26.13 5.29
N LYS A 65 -36.40 -26.41 5.60
CA LYS A 65 -37.29 -25.42 6.18
C LYS A 65 -37.15 -25.43 7.70
N VAL A 66 -37.11 -24.24 8.30
CA VAL A 66 -36.98 -24.10 9.75
C VAL A 66 -37.99 -23.09 10.26
N LEU A 67 -38.46 -23.33 11.48
CA LEU A 67 -39.34 -22.41 12.24
C LEU A 67 -40.60 -22.15 11.41
N GLY A 68 -40.99 -20.89 11.20
CA GLY A 68 -42.24 -20.60 10.53
C GLY A 68 -42.13 -20.34 9.03
N ASP A 69 -42.20 -21.41 8.25
CA ASP A 69 -42.19 -21.33 6.78
C ASP A 69 -40.99 -20.54 6.26
N LYS A 70 -39.81 -20.81 6.81
CA LYS A 70 -38.60 -20.12 6.40
C LYS A 70 -37.55 -21.15 5.97
N TRP A 71 -36.82 -20.83 4.91
CA TRP A 71 -35.89 -21.77 4.29
C TRP A 71 -34.46 -21.28 4.42
N VAL A 72 -33.53 -22.23 4.52
CA VAL A 72 -32.12 -21.95 4.77
C VAL A 72 -31.26 -22.80 3.87
N MSE A 73 -30.04 -22.34 3.65
CA MSE A 73 -29.01 -23.14 3.00
C MSE A 73 -27.85 -23.30 3.98
O MSE A 73 -26.86 -22.56 3.90
CB MSE A 73 -28.55 -22.49 1.70
CG MSE A 73 -27.49 -23.27 0.94
SE MSE A 73 -27.24 -22.68 -0.88
CE MSE A 73 -25.52 -23.52 -1.23
N GLN A 74 -27.97 -24.24 4.91
CA GLN A 74 -26.95 -24.45 5.92
C GLN A 74 -25.88 -25.40 5.40
N LEU A 75 -24.99 -25.81 6.29
CA LEU A 75 -24.19 -27.01 6.16
C LEU A 75 -24.80 -28.10 7.04
N LYS A 76 -24.69 -29.34 6.58
CA LYS A 76 -25.12 -30.44 7.43
C LYS A 76 -24.30 -30.45 8.72
N GLN A 77 -24.94 -30.89 9.81
CA GLN A 77 -24.26 -31.05 11.09
C GLN A 77 -22.98 -31.85 10.93
N GLU A 78 -23.05 -32.94 10.16
CA GLU A 78 -21.96 -33.90 10.10
C GLU A 78 -20.67 -33.27 9.58
N TYR A 79 -20.78 -32.27 8.70
CA TYR A 79 -19.60 -31.65 8.13
C TYR A 79 -19.26 -30.31 8.77
N SER A 80 -20.26 -29.56 9.24
CA SER A 80 -19.99 -28.28 9.89
C SER A 80 -19.06 -28.47 11.09
N GLN A 81 -19.23 -29.55 11.84
CA GLN A 81 -18.36 -29.83 12.97
C GLN A 81 -16.93 -30.11 12.52
N LYS A 82 -16.75 -30.55 11.28
CA LYS A 82 -15.41 -30.82 10.77
C LYS A 82 -14.71 -29.53 10.33
N VAL A 83 -15.45 -28.60 9.74
CA VAL A 83 -14.85 -27.40 9.15
C VAL A 83 -15.11 -26.19 10.05
N ILE A 84 -15.16 -26.42 11.36
CA ILE A 84 -15.36 -25.31 12.30
C ILE A 84 -14.24 -24.30 12.18
N HIS A 85 -13.00 -24.78 12.07
CA HIS A 85 -11.82 -23.92 12.11
C HIS A 85 -11.59 -23.15 10.81
N LEU A 86 -12.53 -23.21 9.87
CA LEU A 86 -12.43 -22.45 8.63
C LEU A 86 -13.40 -21.29 8.54
N MSE A 87 -14.37 -21.20 9.45
CA MSE A 87 -15.26 -20.05 9.52
C MSE A 87 -14.47 -18.75 9.68
O MSE A 87 -13.52 -18.68 10.46
CB MSE A 87 -16.25 -20.18 10.67
CG MSE A 87 -17.38 -21.17 10.43
SE MSE A 87 -17.92 -22.18 12.01
CE MSE A 87 -18.45 -23.84 11.13
N PRO A 88 -14.87 -17.72 8.93
CA PRO A 88 -14.29 -16.40 9.13
C PRO A 88 -14.83 -15.73 10.37
N LYS A 89 -13.98 -14.91 10.98
CA LYS A 89 -14.33 -14.16 12.19
C LYS A 89 -14.07 -12.69 11.90
N PRO A 90 -15.02 -12.02 11.24
CA PRO A 90 -14.80 -10.63 10.83
C PRO A 90 -14.68 -9.70 12.03
N GLU A 91 -13.84 -8.68 11.88
CA GLU A 91 -13.61 -7.69 12.92
C GLU A 91 -14.25 -6.35 12.62
N LEU A 92 -14.73 -6.13 11.40
CA LEU A 92 -15.24 -4.84 10.97
C LEU A 92 -16.76 -4.83 10.97
N ARG A 93 -17.33 -3.67 11.29
CA ARG A 93 -18.77 -3.48 11.26
C ARG A 93 -19.22 -3.10 9.85
N ALA A 94 -20.53 -2.88 9.68
CA ALA A 94 -21.05 -2.52 8.38
C ALA A 94 -20.64 -1.12 7.95
N GLY A 95 -20.52 -0.20 8.92
CA GLY A 95 -20.13 1.16 8.61
C GLY A 95 -18.65 1.30 8.31
N GLU A 96 -17.81 0.62 9.09
CA GLU A 96 -16.38 0.63 8.84
C GLU A 96 -16.06 0.04 7.47
N LEU A 97 -16.71 -1.09 7.15
CA LEU A 97 -16.52 -1.70 5.84
C LEU A 97 -17.01 -0.80 4.72
N LYS A 98 -18.07 -0.03 4.96
CA LYS A 98 -18.57 0.87 3.94
C LYS A 98 -17.61 2.03 3.72
N THR A 99 -17.03 2.57 4.79
CA THR A 99 -16.04 3.62 4.64
C THR A 99 -14.76 3.10 4.01
N LEU A 100 -14.41 1.84 4.28
CA LEU A 100 -13.22 1.24 3.67
C LEU A 100 -13.36 1.16 2.16
N ALA A 101 -14.55 0.84 1.67
CA ALA A 101 -14.77 0.79 0.22
C ALA A 101 -14.66 2.19 -0.38
N LEU A 102 -15.13 3.21 0.33
CA LEU A 102 -15.01 4.58 -0.16
C LEU A 102 -13.54 5.01 -0.23
N ILE A 103 -12.76 4.66 0.80
CA ILE A 103 -11.34 5.00 0.79
C ILE A 103 -10.60 4.22 -0.28
N ALA A 104 -10.95 2.94 -0.44
CA ALA A 104 -10.28 2.10 -1.43
C ALA A 104 -10.56 2.53 -2.86
N TYR A 105 -11.61 3.32 -3.09
CA TYR A 105 -11.98 3.77 -4.42
C TYR A 105 -11.55 5.20 -4.71
N LEU A 106 -11.56 6.06 -3.70
CA LEU A 106 -11.15 7.46 -3.86
C LEU A 106 -9.66 7.68 -3.63
N GLN A 107 -8.92 6.65 -3.22
CA GLN A 107 -7.52 6.81 -2.84
C GLN A 107 -6.64 7.29 -4.00
N PRO A 108 -5.69 8.19 -3.70
CA PRO A 108 -5.50 8.82 -2.39
C PRO A 108 -6.53 9.92 -2.15
N VAL A 109 -7.22 9.86 -1.00
CA VAL A 109 -8.32 10.75 -0.71
C VAL A 109 -8.03 11.52 0.58
N GLU A 110 -8.36 12.81 0.56
CA GLU A 110 -8.21 13.63 1.75
C GLU A 110 -9.21 13.21 2.82
N GLN A 111 -8.75 13.15 4.07
CA GLN A 111 -9.59 12.65 5.15
C GLN A 111 -10.85 13.50 5.32
N SER A 112 -10.73 14.82 5.14
CA SER A 112 -11.89 15.69 5.29
C SER A 112 -12.97 15.38 4.25
N LYS A 113 -12.57 14.89 3.08
CA LYS A 113 -13.55 14.54 2.06
C LYS A 113 -14.36 13.31 2.45
N ILE A 114 -13.70 12.32 3.07
CA ILE A 114 -14.40 11.12 3.52
C ILE A 114 -15.47 11.48 4.55
N ILE A 115 -15.09 12.27 5.55
CA ILE A 115 -16.02 12.67 6.61
C ILE A 115 -17.14 13.54 6.06
N LYS A 116 -16.90 14.22 4.93
CA LYS A 116 -17.99 14.94 4.27
C LYS A 116 -19.04 13.98 3.75
N LEU A 117 -18.62 12.86 3.15
CA LEU A 117 -19.50 11.87 2.56
C LEU A 117 -19.90 10.77 3.54
N ARG A 118 -19.52 10.90 4.81
CA ARG A 118 -19.79 9.91 5.85
C ARG A 118 -20.25 10.53 7.17
N GLY A 119 -20.02 11.82 7.41
CA GLY A 119 -20.29 12.43 8.70
C GLY A 119 -19.18 12.14 9.69
N SER A 120 -19.36 12.67 10.90
CA SER A 120 -18.43 12.38 11.99
C SER A 120 -18.42 10.89 12.34
N GLN A 121 -19.31 10.11 11.74
CA GLN A 121 -19.30 8.66 11.86
C GLN A 121 -17.94 8.09 11.48
N ALA A 122 -17.38 8.53 10.34
CA ALA A 122 -16.15 7.96 9.82
C ALA A 122 -14.92 8.35 10.62
N TYR A 123 -15.03 9.33 11.53
CA TYR A 123 -13.89 9.70 12.36
C TYR A 123 -13.39 8.51 13.17
N GLU A 124 -14.28 7.61 13.58
CA GLU A 124 -13.88 6.40 14.27
C GLU A 124 -13.64 5.23 13.32
N HIS A 125 -14.23 5.26 12.12
CA HIS A 125 -13.92 4.23 11.12
C HIS A 125 -12.49 4.37 10.62
N ILE A 126 -12.05 5.59 10.34
CA ILE A 126 -10.68 5.81 9.87
C ILE A 126 -9.68 5.43 10.96
N LYS A 127 -9.99 5.78 12.21
CA LYS A 127 -9.13 5.40 13.32
C LYS A 127 -9.05 3.88 13.47
N LYS A 128 -10.18 3.19 13.28
CA LYS A 128 -10.19 1.74 13.38
C LYS A 128 -9.44 1.09 12.23
N LEU A 129 -9.59 1.64 11.02
CA LEU A 129 -8.95 1.03 9.85
C LEU A 129 -7.44 1.24 9.85
N LEU A 130 -6.98 2.42 10.31
CA LEU A 130 -5.55 2.60 10.55
C LEU A 130 -5.07 1.66 11.64
N GLU A 131 -5.87 1.49 12.70
CA GLU A 131 -5.53 0.54 13.75
C GLU A 131 -5.39 -0.87 13.19
N MSE A 132 -6.28 -1.25 12.28
CA MSE A 132 -6.24 -2.58 11.68
C MSE A 132 -5.13 -2.70 10.65
O MSE A 132 -4.83 -3.80 10.17
CB MSE A 132 -7.59 -2.91 11.03
CG MSE A 132 -8.74 -3.08 12.00
SE MSE A 132 -8.65 -4.77 12.97
CE MSE A 132 -8.79 -6.00 11.45
N GLY A 133 -4.50 -1.58 10.32
CA GLY A 133 -3.46 -1.60 9.31
C GLY A 133 -3.93 -1.81 7.90
N LEU A 134 -5.21 -1.53 7.62
CA LEU A 134 -5.75 -1.69 6.28
C LEU A 134 -5.67 -0.41 5.45
N ILE A 135 -5.49 0.75 6.09
CA ILE A 135 -5.32 2.01 5.40
C ILE A 135 -4.11 2.74 5.97
N TYR A 136 -3.59 3.68 5.17
CA TYR A 136 -2.52 4.56 5.60
C TYR A 136 -3.04 5.99 5.71
N ALA A 137 -2.33 6.80 6.48
CA ALA A 137 -2.64 8.22 6.65
C ALA A 137 -1.34 9.00 6.51
N GLU A 138 -1.02 9.40 5.28
CA GLU A 138 0.18 10.19 5.02
C GLU A 138 -0.13 11.67 5.19
N PRO A 139 0.54 12.37 6.11
CA PRO A 139 0.22 13.79 6.32
C PRO A 139 0.52 14.63 5.09
N TYR A 140 -0.42 15.48 4.71
CA TYR A 140 -0.33 16.28 3.50
C TYR A 140 -1.00 17.63 3.73
N GLU A 141 -0.20 18.69 3.76
CA GLU A 141 -0.68 20.07 3.77
C GLU A 141 -1.84 20.26 4.77
N ARG A 142 -1.48 20.16 6.05
CA ARG A 142 -2.35 20.26 7.23
C ARG A 142 -3.54 19.31 7.23
N THR A 143 -3.53 18.25 6.42
CA THR A 143 -4.56 17.23 6.48
C THR A 143 -3.91 15.87 6.22
N LYS A 144 -4.74 14.85 6.00
CA LYS A 144 -4.27 13.49 5.79
C LYS A 144 -4.73 12.97 4.44
N LEU A 145 -3.93 12.08 3.86
CA LEU A 145 -4.29 11.37 2.64
C LEU A 145 -4.44 9.89 2.94
N LEU A 146 -5.59 9.33 2.59
CA LEU A 146 -5.94 7.97 2.95
C LEU A 146 -5.91 7.07 1.72
N GLY A 147 -5.44 5.84 1.92
CA GLY A 147 -5.40 4.83 0.88
C GLY A 147 -5.14 3.49 1.53
N THR A 148 -5.22 2.44 0.71
CA THR A 148 -5.11 1.08 1.24
C THR A 148 -3.65 0.63 1.30
N THR A 149 -3.36 -0.21 2.29
CA THR A 149 -2.01 -0.69 2.55
C THR A 149 -1.73 -1.99 1.79
N GLN A 150 -0.53 -2.54 2.03
CA GLN A 150 -0.19 -3.86 1.49
C GLN A 150 -1.06 -4.93 2.13
N LYS A 151 -1.29 -4.83 3.44
CA LYS A 151 -2.09 -5.83 4.15
C LYS A 151 -3.51 -5.89 3.58
N PHE A 152 -4.06 -4.73 3.16
CA PHE A 152 -5.35 -4.72 2.49
C PHE A 152 -5.29 -5.50 1.19
N ALA A 153 -4.16 -5.45 0.49
CA ALA A 153 -4.06 -6.10 -0.80
C ALA A 153 -4.04 -7.61 -0.67
N GLU A 154 -3.28 -8.14 0.30
CA GLU A 154 -3.25 -9.58 0.51
C GLU A 154 -4.59 -10.10 1.00
N LEU A 155 -5.25 -9.33 1.87
CA LEU A 155 -6.55 -9.75 2.40
C LEU A 155 -7.61 -9.82 1.30
N TYR A 156 -7.51 -8.97 0.29
CA TYR A 156 -8.59 -8.78 -0.67
C TYR A 156 -8.26 -9.32 -2.05
N GLY A 157 -7.14 -10.02 -2.20
CA GLY A 157 -6.86 -10.74 -3.43
C GLY A 157 -6.09 -10.00 -4.49
N PHE A 158 -5.43 -8.90 -4.14
CA PHE A 158 -4.52 -8.22 -5.05
C PHE A 158 -3.09 -8.46 -4.58
N PRO A 159 -2.40 -9.49 -5.10
CA PRO A 159 -0.95 -9.56 -4.89
C PRO A 159 -0.21 -8.40 -5.53
N GLU A 160 -0.82 -7.73 -6.50
CA GLU A 160 -0.14 -6.67 -7.23
C GLU A 160 -0.06 -5.38 -6.42
N ASN A 161 -1.12 -5.06 -5.69
CA ASN A 161 -1.26 -3.77 -5.01
C ASN A 161 -1.15 -2.61 -6.01
N ASP A 162 -1.82 -2.75 -7.15
CA ASP A 162 -1.91 -1.67 -8.11
C ASP A 162 -3.05 -0.75 -7.67
N PRO A 163 -2.75 0.49 -7.28
CA PRO A 163 -3.81 1.38 -6.79
C PRO A 163 -4.88 1.68 -7.82
N GLU A 164 -4.57 1.57 -9.11
CA GLU A 164 -5.58 1.82 -10.13
C GLU A 164 -6.52 0.64 -10.31
N LEU A 165 -6.01 -0.58 -10.15
CA LEU A 165 -6.90 -1.75 -10.21
C LEU A 165 -7.82 -1.81 -9.00
N ILE A 166 -7.37 -1.33 -7.84
CA ILE A 166 -8.22 -1.33 -6.66
C ILE A 166 -9.29 -0.25 -6.77
N LYS A 167 -8.92 0.93 -7.28
CA LYS A 167 -9.91 1.97 -7.52
C LYS A 167 -10.98 1.52 -8.50
N GLU A 168 -10.64 0.61 -9.40
CA GLU A 168 -11.62 0.05 -10.33
C GLU A 168 -12.53 -0.95 -9.64
N ALA A 169 -11.94 -1.96 -8.99
CA ALA A 169 -12.73 -3.05 -8.41
C ALA A 169 -13.69 -2.53 -7.34
N PHE A 170 -13.35 -1.44 -6.67
CA PHE A 170 -14.23 -0.86 -5.67
C PHE A 170 -15.13 0.23 -6.24
N LYS A 171 -14.97 0.58 -7.52
CA LYS A 171 -15.99 1.38 -8.19
C LYS A 171 -17.22 0.54 -8.49
N LYS A 172 -17.03 -0.76 -8.73
CA LYS A 172 -18.16 -1.66 -8.87
C LYS A 172 -18.84 -1.88 -7.52
N VAL A 173 -18.04 -2.11 -6.47
CA VAL A 173 -18.59 -2.39 -5.14
C VAL A 173 -19.42 -1.21 -4.65
N ILE A 174 -18.92 0.01 -4.84
CA ILE A 174 -19.66 1.18 -4.39
C ILE A 174 -20.93 1.36 -5.21
N HIS A 175 -20.85 1.14 -6.52
CA HIS A 175 -22.04 1.22 -7.35
C HIS A 175 -23.04 0.13 -7.00
N SER A 176 -22.56 -1.09 -6.81
CA SER A 176 -23.45 -2.22 -6.57
C SER A 176 -24.12 -2.12 -5.21
N GLU A 177 -23.32 -2.05 -4.15
CA GLU A 177 -23.82 -2.21 -2.78
C GLU A 177 -24.07 -0.89 -2.05
N TYR A 178 -23.54 0.22 -2.54
CA TYR A 178 -23.68 1.52 -1.88
C TYR A 178 -24.13 2.58 -2.88
N ALA A 179 -25.28 2.32 -3.51
CA ALA A 179 -25.75 3.19 -4.57
C ALA A 179 -26.10 4.58 -4.07
N ASP A 180 -26.55 4.70 -2.82
CA ASP A 180 -26.85 6.02 -2.25
C ASP A 180 -25.59 6.88 -2.19
N LEU A 181 -24.48 6.30 -1.73
CA LEU A 181 -23.23 7.05 -1.66
C LEU A 181 -22.64 7.28 -3.04
N MSE A 182 -22.89 6.38 -3.99
CA MSE A 182 -22.34 6.49 -5.33
C MSE A 182 -22.85 7.74 -6.04
O MSE A 182 -22.09 8.39 -6.77
CB MSE A 182 -22.69 5.24 -6.16
CG MSE A 182 -22.29 5.33 -7.61
SE MSE A 182 -20.38 5.70 -7.84
CE MSE A 182 -20.06 4.70 -9.47
N GLU A 183 -24.12 8.08 -5.84
CA GLU A 183 -24.63 9.35 -6.35
C GLU A 183 -24.22 10.50 -5.45
N LYS A 184 -24.07 10.25 -4.15
CA LYS A 184 -23.49 11.24 -3.25
C LYS A 184 -22.05 11.56 -3.67
N ILE A 185 -21.37 10.61 -4.30
CA ILE A 185 -20.14 10.91 -5.04
C ILE A 185 -20.45 11.83 -6.21
N GLU A 186 -21.41 11.43 -7.03
CA GLU A 186 -21.72 12.17 -8.26
C GLU A 186 -22.21 13.57 -7.94
N LYS A 187 -23.09 13.71 -6.94
CA LYS A 187 -23.66 15.01 -6.63
C LYS A 187 -22.59 15.99 -6.17
N ASN A 188 -21.59 15.50 -5.44
CA ASN A 188 -20.50 16.36 -5.00
C ASN A 188 -19.56 16.69 -6.15
N ASN A 189 -19.37 15.75 -7.08
CA ASN A 189 -18.56 16.02 -8.25
C ASN A 189 -19.19 17.13 -9.10
N ARG A 190 -20.52 17.10 -9.25
CA ARG A 190 -21.20 18.19 -9.94
C ARG A 190 -21.09 19.50 -9.17
N LYS A 191 -21.00 19.42 -7.84
CA LYS A 191 -20.86 20.64 -7.04
C LYS A 191 -19.48 21.26 -7.22
N ASP A 192 -18.43 20.43 -7.19
CA ASP A 192 -17.08 20.95 -7.37
C ASP A 192 -16.88 21.54 -8.76
N LYS A 193 -17.51 20.93 -9.77
CA LYS A 193 -17.38 21.45 -11.13
C LYS A 193 -18.06 22.80 -11.26
N ARG A 194 -19.21 22.98 -10.59
CA ARG A 194 -19.89 24.27 -10.63
C ARG A 194 -19.21 25.29 -9.74
N GLU A 195 -18.68 24.85 -8.59
CA GLU A 195 -18.13 25.79 -7.61
C GLU A 195 -16.89 26.49 -8.14
N GLU A 196 -15.97 25.74 -8.75
CA GLU A 196 -14.74 26.33 -9.26
C GLU A 196 -14.46 25.91 -10.68
N ASP B 6 38.74 -3.11 26.39
CA ASP B 6 38.44 -2.06 25.43
C ASP B 6 39.73 -1.52 24.79
N GLY B 7 39.76 -0.22 24.59
CA GLY B 7 40.88 0.44 23.94
C GLY B 7 40.44 1.32 22.79
N LEU B 8 41.35 2.21 22.38
CA LEU B 8 41.05 3.13 21.29
C LEU B 8 41.05 2.41 19.94
N LEU B 9 42.15 1.73 19.62
CA LEU B 9 42.29 1.10 18.31
C LEU B 9 41.22 0.06 18.05
N GLU B 10 40.58 -0.48 19.09
CA GLU B 10 39.47 -1.39 18.88
C GLU B 10 38.17 -0.64 18.63
N ASP B 11 37.89 0.40 19.42
CA ASP B 11 36.75 1.25 19.14
C ASP B 11 36.87 1.92 17.77
N LYS B 12 38.10 2.24 17.35
CA LYS B 12 38.30 2.78 16.01
C LYS B 12 38.10 1.70 14.96
N ALA B 13 38.56 0.47 15.24
CA ALA B 13 38.35 -0.62 14.30
C ALA B 13 36.89 -1.05 14.27
N LEU B 14 36.22 -1.05 15.43
CA LEU B 14 34.82 -1.45 15.48
C LEU B 14 33.95 -0.47 14.69
N VAL B 15 34.21 0.82 14.81
CA VAL B 15 33.47 1.81 14.02
C VAL B 15 33.83 1.68 12.55
N GLU B 16 35.10 1.40 12.25
CA GLU B 16 35.52 1.20 10.87
C GLU B 16 34.82 0.00 10.25
N ALA B 17 34.52 -1.03 11.04
CA ALA B 17 33.88 -2.22 10.51
C ALA B 17 32.43 -1.96 10.14
N ALA B 18 31.72 -1.15 10.93
CA ALA B 18 30.32 -0.86 10.66
C ALA B 18 30.17 -0.07 9.37
N LEU B 19 31.00 0.97 9.19
CA LEU B 19 30.93 1.78 7.97
C LEU B 19 31.30 0.96 6.74
N PHE B 20 32.19 -0.01 6.90
CA PHE B 20 32.64 -0.82 5.76
C PHE B 20 31.53 -1.69 5.22
N VAL B 21 30.69 -2.24 6.09
CA VAL B 21 29.72 -3.26 5.70
C VAL B 21 28.30 -2.73 5.62
N ALA B 22 28.02 -1.54 6.15
CA ALA B 22 26.65 -1.04 6.16
C ALA B 22 26.12 -0.82 4.74
N GLY B 23 26.99 -0.36 3.84
CA GLY B 23 26.56 -0.09 2.48
C GLY B 23 25.52 1.01 2.36
N ARG B 24 25.43 1.88 3.36
CA ARG B 24 24.47 2.97 3.37
C ARG B 24 24.84 3.97 4.46
N PRO B 25 24.49 5.25 4.30
CA PRO B 25 24.81 6.23 5.34
C PRO B 25 24.07 5.93 6.64
N LEU B 26 24.83 5.86 7.73
CA LEU B 26 24.30 5.65 9.06
C LEU B 26 24.46 6.91 9.90
N SER B 27 23.52 7.13 10.80
CA SER B 27 23.58 8.27 11.70
C SER B 27 24.45 7.96 12.91
N LEU B 28 24.67 8.97 13.74
CA LEU B 28 25.42 8.76 14.97
C LEU B 28 24.62 7.96 15.98
N LYS B 29 23.30 8.19 16.03
CA LYS B 29 22.45 7.44 16.96
C LYS B 29 22.43 5.96 16.62
N GLU B 30 22.33 5.62 15.33
CA GLU B 30 22.28 4.22 14.94
C GLU B 30 23.60 3.52 15.23
N LEU B 31 24.72 4.17 14.90
CA LEU B 31 26.02 3.58 15.20
C LEU B 31 26.22 3.42 16.71
N SER B 32 25.71 4.37 17.50
CA SER B 32 25.89 4.31 18.95
C SER B 32 25.24 3.08 19.54
N LYS B 33 23.98 2.82 19.17
CA LYS B 33 23.28 1.65 19.71
C LYS B 33 23.78 0.36 19.11
N ALA B 34 24.08 0.36 17.80
CA ALA B 34 24.50 -0.87 17.14
C ALA B 34 25.90 -1.31 17.54
N LEU B 35 26.72 -0.40 18.08
CA LEU B 35 28.13 -0.70 18.35
C LEU B 35 28.46 -0.79 19.83
N GLY B 36 27.78 -0.04 20.68
CA GLY B 36 28.09 -0.02 22.10
C GLY B 36 28.97 1.12 22.55
N ILE B 37 29.10 2.18 21.75
CA ILE B 37 29.85 3.37 22.14
C ILE B 37 28.83 4.39 22.66
N LYS B 38 28.83 4.61 23.96
CA LYS B 38 27.76 5.38 24.59
C LYS B 38 27.86 6.87 24.28
N SER B 39 29.07 7.39 24.07
CA SER B 39 29.27 8.81 23.84
C SER B 39 29.17 9.13 22.37
N LEU B 40 28.30 10.10 22.03
CA LEU B 40 28.08 10.44 20.63
C LEU B 40 29.26 11.24 20.06
N GLU B 41 29.83 12.15 20.85
CA GLU B 41 30.95 12.94 20.34
C GLU B 41 32.23 12.11 20.28
N TYR B 42 32.43 11.19 21.22
CA TYR B 42 33.51 10.21 21.08
C TYR B 42 33.30 9.37 19.82
N LEU B 43 32.05 8.97 19.57
CA LEU B 43 31.75 8.18 18.38
C LEU B 43 32.03 8.96 17.11
N GLU B 44 31.56 10.21 17.03
CA GLU B 44 31.82 11.04 15.86
C GLU B 44 33.30 11.32 15.71
N LYS B 45 34.01 11.50 16.83
CA LYS B 45 35.43 11.83 16.74
C LYS B 45 36.25 10.65 16.22
N LEU B 46 35.82 9.42 16.50
CA LEU B 46 36.48 8.26 15.91
C LEU B 46 36.27 8.23 14.40
N ILE B 47 35.06 8.58 13.94
CA ILE B 47 34.77 8.58 12.51
C ILE B 47 35.63 9.62 11.80
N GLU B 48 35.73 10.81 12.39
CA GLU B 48 36.58 11.85 11.79
C GLU B 48 38.04 11.45 11.82
N LEU B 49 38.47 10.71 12.85
CA LEU B 49 39.83 10.19 12.86
C LEU B 49 40.01 9.16 11.74
N ILE B 50 39.03 8.27 11.56
CA ILE B 50 39.08 7.33 10.45
C ILE B 50 39.07 8.08 9.12
N ALA B 51 38.20 9.08 9.01
CA ALA B 51 38.13 9.88 7.80
C ALA B 51 39.44 10.62 7.55
N SER B 52 40.04 11.17 8.61
CA SER B 52 41.31 11.86 8.45
C SER B 52 42.43 10.91 8.06
N GLU B 53 42.48 9.74 8.72
CA GLU B 53 43.55 8.78 8.44
C GLU B 53 43.49 8.28 7.01
N TYR B 54 42.31 7.87 6.55
CA TYR B 54 42.14 7.44 5.17
C TYR B 54 42.60 8.51 4.20
N GLU B 55 42.41 9.78 4.55
CA GLU B 55 42.84 10.87 3.68
C GLU B 55 44.36 11.00 3.63
N GLU B 56 45.02 10.85 4.78
CA GLU B 56 46.47 11.02 4.83
C GLU B 56 47.19 9.98 3.98
N ARG B 57 46.77 8.72 4.06
CA ARG B 57 47.41 7.66 3.27
C ARG B 57 47.07 7.74 1.79
N LYS B 58 46.29 8.74 1.37
CA LYS B 58 45.84 8.88 -0.02
C LYS B 58 45.16 7.60 -0.50
N SER B 59 44.07 7.27 0.17
CA SER B 59 43.33 6.06 -0.10
C SER B 59 42.21 6.33 -1.11
N ALA B 60 41.82 5.28 -1.82
CA ALA B 60 40.70 5.38 -2.75
C ALA B 60 39.36 5.49 -2.03
N ILE B 61 39.35 5.37 -0.71
CA ILE B 61 38.12 5.33 0.08
C ILE B 61 38.06 6.59 0.93
N GLU B 62 36.84 7.09 1.15
CA GLU B 62 36.61 8.24 2.00
C GLU B 62 35.45 7.95 2.95
N VAL B 63 35.45 8.66 4.07
CA VAL B 63 34.33 8.67 5.01
C VAL B 63 33.87 10.12 5.13
N VAL B 64 32.65 10.39 4.66
CA VAL B 64 32.16 11.75 4.54
C VAL B 64 30.76 11.86 5.15
N LYS B 65 30.42 13.06 5.60
CA LYS B 65 29.08 13.35 6.09
C LYS B 65 28.15 13.60 4.91
N VAL B 66 26.88 13.23 5.08
CA VAL B 66 25.90 13.38 4.01
C VAL B 66 24.62 13.99 4.57
N LEU B 67 23.57 14.01 3.75
CA LEU B 67 22.30 14.60 4.16
C LEU B 67 21.72 13.84 5.35
N GLY B 68 21.35 14.58 6.38
CA GLY B 68 20.80 14.01 7.60
C GLY B 68 21.79 13.80 8.73
N ASP B 69 22.97 14.43 8.66
CA ASP B 69 24.04 14.24 9.64
C ASP B 69 24.40 12.76 9.80
N LYS B 70 24.48 12.05 8.68
CA LYS B 70 24.82 10.64 8.67
C LYS B 70 26.18 10.45 8.00
N TRP B 71 26.80 9.30 8.29
CA TRP B 71 28.14 9.00 7.80
C TRP B 71 28.12 7.76 6.92
N VAL B 72 28.88 7.80 5.83
CA VAL B 72 28.93 6.70 4.87
C VAL B 72 30.39 6.49 4.44
N MSE B 73 30.76 5.24 4.22
CA MSE B 73 32.05 4.93 3.64
C MSE B 73 31.87 4.53 2.18
O MSE B 73 31.10 3.61 1.87
CB MSE B 73 32.75 3.81 4.42
CG MSE B 73 34.16 3.54 3.96
SE MSE B 73 34.98 1.95 4.75
CE MSE B 73 35.19 2.60 6.58
N GLN B 74 32.55 5.22 1.27
CA GLN B 74 32.34 5.04 -0.15
C GLN B 74 33.61 5.39 -0.91
N LEU B 75 33.63 5.02 -2.19
CA LEU B 75 34.71 5.41 -3.07
C LEU B 75 34.61 6.89 -3.40
N LYS B 76 35.76 7.53 -3.60
CA LYS B 76 35.77 8.84 -4.20
C LYS B 76 35.23 8.75 -5.62
N GLN B 77 34.46 9.76 -6.03
CA GLN B 77 33.96 9.80 -7.41
C GLN B 77 35.09 9.79 -8.42
N GLU B 78 36.30 10.13 -7.98
CA GLU B 78 37.47 10.11 -8.86
C GLU B 78 37.83 8.69 -9.29
N TYR B 79 37.66 7.72 -8.38
CA TYR B 79 38.03 6.34 -8.66
C TYR B 79 36.85 5.46 -9.04
N SER B 80 35.62 5.86 -8.71
CA SER B 80 34.46 5.04 -9.06
C SER B 80 34.28 4.92 -10.57
N GLN B 81 34.71 5.94 -11.32
CA GLN B 81 34.64 5.87 -12.77
C GLN B 81 35.47 4.72 -13.32
N LYS B 82 36.65 4.49 -12.73
CA LYS B 82 37.60 3.54 -13.28
C LYS B 82 37.24 2.09 -12.97
N VAL B 83 36.36 1.84 -12.00
CA VAL B 83 36.00 0.48 -11.63
C VAL B 83 34.49 0.32 -11.60
N ILE B 84 33.78 1.11 -12.42
CA ILE B 84 32.32 0.99 -12.48
C ILE B 84 31.92 -0.37 -13.02
N HIS B 85 32.70 -0.92 -13.95
CA HIS B 85 32.40 -2.24 -14.51
C HIS B 85 32.72 -3.38 -13.55
N LEU B 86 33.18 -3.09 -12.34
CA LEU B 86 33.40 -4.10 -11.32
C LEU B 86 32.37 -4.06 -10.20
N MSE B 87 31.59 -2.99 -10.09
CA MSE B 87 30.53 -2.90 -9.10
C MSE B 87 29.43 -3.90 -9.42
O MSE B 87 28.91 -3.91 -10.53
CB MSE B 87 29.95 -1.50 -9.03
CG MSE B 87 30.97 -0.38 -8.85
SE MSE B 87 30.11 1.35 -8.56
CE MSE B 87 31.62 2.32 -7.80
N PRO B 88 29.06 -4.73 -8.45
CA PRO B 88 27.90 -5.60 -8.63
C PRO B 88 26.64 -4.78 -8.81
N LYS B 89 26.06 -4.81 -10.01
CA LYS B 89 24.85 -4.06 -10.27
C LYS B 89 23.72 -4.60 -9.40
N PRO B 90 22.97 -3.73 -8.72
CA PRO B 90 21.93 -4.21 -7.80
C PRO B 90 20.73 -4.77 -8.56
N GLU B 91 20.34 -6.00 -8.20
CA GLU B 91 19.11 -6.55 -8.74
C GLU B 91 17.92 -5.84 -8.13
N LEU B 92 17.02 -5.34 -8.97
CA LEU B 92 15.83 -4.64 -8.50
C LEU B 92 14.62 -5.14 -9.28
N ARG B 93 13.49 -5.20 -8.59
CA ARG B 93 12.24 -5.66 -9.18
C ARG B 93 11.55 -4.51 -9.90
N ALA B 94 10.50 -4.86 -10.65
CA ALA B 94 9.84 -3.88 -11.53
C ALA B 94 9.33 -2.68 -10.75
N GLY B 95 8.60 -2.94 -9.65
CA GLY B 95 8.09 -1.85 -8.83
C GLY B 95 9.16 -1.09 -8.09
N GLU B 96 10.31 -1.72 -7.84
CA GLU B 96 11.38 -1.03 -7.13
C GLU B 96 12.08 -0.02 -8.04
N LEU B 97 12.36 -0.40 -9.29
CA LEU B 97 12.96 0.54 -10.23
C LEU B 97 12.01 1.69 -10.55
N LYS B 98 10.72 1.41 -10.60
CA LYS B 98 9.74 2.45 -10.91
C LYS B 98 9.76 3.56 -9.86
N THR B 99 9.69 3.16 -8.58
CA THR B 99 9.76 4.15 -7.51
C THR B 99 11.12 4.84 -7.46
N LEU B 100 12.18 4.12 -7.84
CA LEU B 100 13.51 4.74 -7.88
C LEU B 100 13.56 5.83 -8.95
N ALA B 101 13.03 5.54 -10.13
CA ALA B 101 13.01 6.55 -11.19
C ALA B 101 12.13 7.74 -10.81
N LEU B 102 11.04 7.48 -10.09
CA LEU B 102 10.18 8.58 -9.65
C LEU B 102 10.87 9.43 -8.59
N ILE B 103 11.62 8.79 -7.69
CA ILE B 103 12.35 9.53 -6.67
C ILE B 103 13.53 10.26 -7.28
N ALA B 104 14.23 9.62 -8.23
CA ALA B 104 15.38 10.25 -8.86
C ALA B 104 14.98 11.48 -9.67
N TYR B 105 13.72 11.55 -10.11
CA TYR B 105 13.26 12.67 -10.92
C TYR B 105 12.66 13.79 -10.10
N LEU B 106 12.05 13.49 -8.95
CA LEU B 106 11.34 14.48 -8.16
C LEU B 106 12.11 14.99 -6.95
N GLN B 107 13.33 14.52 -6.73
CA GLN B 107 14.09 14.89 -5.53
C GLN B 107 14.37 16.39 -5.45
N PRO B 108 14.38 16.95 -4.23
CA PRO B 108 14.03 16.27 -2.97
C PRO B 108 12.52 16.18 -2.77
N VAL B 109 11.96 15.01 -3.04
CA VAL B 109 10.52 14.81 -3.02
C VAL B 109 10.09 14.34 -1.64
N GLU B 110 8.95 14.86 -1.18
CA GLU B 110 8.38 14.40 0.08
C GLU B 110 7.87 12.97 -0.06
N GLN B 111 7.99 12.21 1.03
CA GLN B 111 7.48 10.85 1.03
C GLN B 111 5.97 10.81 0.82
N SER B 112 5.28 11.89 1.20
CA SER B 112 3.83 11.95 0.99
C SER B 112 3.49 11.96 -0.49
N LYS B 113 4.30 12.64 -1.30
CA LYS B 113 4.03 12.71 -2.74
C LYS B 113 4.27 11.37 -3.42
N ILE B 114 5.31 10.64 -2.99
CA ILE B 114 5.63 9.36 -3.62
C ILE B 114 4.53 8.34 -3.35
N ILE B 115 4.02 8.29 -2.11
CA ILE B 115 2.91 7.40 -1.80
C ILE B 115 1.65 7.83 -2.54
N LYS B 116 1.46 9.15 -2.69
CA LYS B 116 0.31 9.66 -3.43
C LYS B 116 0.30 9.22 -4.88
N LEU B 117 1.49 9.00 -5.45
CA LEU B 117 1.61 8.67 -6.87
C LEU B 117 1.74 7.18 -7.15
N ARG B 118 2.22 6.39 -6.19
CA ARG B 118 2.48 4.98 -6.41
C ARG B 118 1.55 4.05 -5.64
N GLY B 119 0.91 4.52 -4.59
CA GLY B 119 0.19 3.65 -3.68
C GLY B 119 1.07 3.17 -2.56
N SER B 120 0.48 2.36 -1.67
CA SER B 120 1.21 1.86 -0.52
C SER B 120 2.33 0.89 -0.89
N GLN B 121 2.34 0.41 -2.14
CA GLN B 121 3.43 -0.46 -2.58
C GLN B 121 4.79 0.24 -2.52
N ALA B 122 4.80 1.58 -2.53
CA ALA B 122 6.05 2.31 -2.45
C ALA B 122 6.69 2.26 -1.07
N TYR B 123 5.89 1.98 -0.03
CA TYR B 123 6.44 1.85 1.32
C TYR B 123 7.55 0.82 1.36
N GLU B 124 7.30 -0.37 0.81
CA GLU B 124 8.32 -1.40 0.81
C GLU B 124 9.47 -1.06 -0.14
N HIS B 125 9.18 -0.32 -1.21
CA HIS B 125 10.24 0.11 -2.12
C HIS B 125 11.18 1.09 -1.44
N ILE B 126 10.63 2.06 -0.69
CA ILE B 126 11.47 3.03 0.00
C ILE B 126 12.28 2.36 1.11
N LYS B 127 11.65 1.45 1.85
CA LYS B 127 12.38 0.70 2.88
C LYS B 127 13.54 -0.07 2.28
N LYS B 128 13.35 -0.63 1.08
CA LYS B 128 14.40 -1.41 0.44
C LYS B 128 15.46 -0.51 -0.18
N LEU B 129 15.04 0.58 -0.82
CA LEU B 129 16.01 1.47 -1.47
C LEU B 129 16.90 2.17 -0.46
N LEU B 130 16.38 2.49 0.73
CA LEU B 130 17.22 3.02 1.79
C LEU B 130 18.24 1.98 2.25
N GLU B 131 17.80 0.74 2.42
CA GLU B 131 18.68 -0.31 2.92
C GLU B 131 19.81 -0.60 1.96
N MSE B 132 19.62 -0.34 0.67
CA MSE B 132 20.66 -0.58 -0.32
C MSE B 132 21.50 0.66 -0.55
O MSE B 132 22.38 0.67 -1.41
CB MSE B 132 20.04 -1.03 -1.65
CG MSE B 132 19.09 -2.20 -1.52
SE MSE B 132 18.75 -3.03 -3.25
CE MSE B 132 20.56 -3.61 -3.65
N GLY B 133 21.24 1.71 0.23
CA GLY B 133 22.00 2.93 0.11
C GLY B 133 21.85 3.65 -1.21
N LEU B 134 20.69 3.50 -1.87
CA LEU B 134 20.44 4.16 -3.13
C LEU B 134 19.70 5.49 -2.98
N ILE B 135 18.94 5.66 -1.90
CA ILE B 135 18.24 6.91 -1.62
C ILE B 135 18.45 7.27 -0.15
N TYR B 136 18.14 8.53 0.17
CA TYR B 136 18.22 9.00 1.54
C TYR B 136 16.82 9.38 2.04
N ALA B 137 16.71 9.47 3.36
CA ALA B 137 15.46 9.87 4.02
C ALA B 137 15.80 10.86 5.11
N GLU B 138 15.38 12.11 4.94
CA GLU B 138 15.67 13.19 5.88
C GLU B 138 14.37 13.80 6.35
N PRO B 139 14.09 13.79 7.66
CA PRO B 139 12.80 14.32 8.15
C PRO B 139 12.61 15.79 7.78
N TYR B 140 11.35 16.15 7.54
CA TYR B 140 11.02 17.50 7.07
C TYR B 140 9.54 17.73 7.31
N GLU B 141 9.22 18.64 8.24
CA GLU B 141 7.85 19.00 8.60
C GLU B 141 7.14 17.75 9.09
N ARG B 142 6.04 17.33 8.48
CA ARG B 142 5.33 16.12 8.89
C ARG B 142 5.70 14.89 8.07
N THR B 143 6.56 15.07 7.06
CA THR B 143 6.95 13.96 6.19
C THR B 143 8.46 13.80 6.14
N LYS B 144 8.97 13.12 5.13
CA LYS B 144 10.40 12.97 4.90
C LYS B 144 10.73 13.42 3.49
N LEU B 145 11.93 13.97 3.31
CA LEU B 145 12.45 14.31 2.00
C LEU B 145 13.29 13.16 1.47
N LEU B 146 13.06 12.80 0.20
CA LEU B 146 13.74 11.68 -0.42
C LEU B 146 14.56 12.18 -1.61
N GLY B 147 15.66 11.48 -1.88
CA GLY B 147 16.53 11.80 -2.99
C GLY B 147 17.59 10.75 -3.14
N THR B 148 18.27 10.79 -4.27
CA THR B 148 19.27 9.78 -4.58
C THR B 148 20.59 10.07 -3.87
N THR B 149 21.35 9.01 -3.61
CA THR B 149 22.64 9.12 -2.95
C THR B 149 23.76 9.16 -3.97
N GLN B 150 24.99 9.31 -3.47
CA GLN B 150 26.16 9.27 -4.33
C GLN B 150 26.35 7.87 -4.92
N LYS B 151 26.07 6.83 -4.14
CA LYS B 151 26.16 5.47 -4.66
C LYS B 151 25.20 5.27 -5.83
N PHE B 152 24.02 5.89 -5.77
CA PHE B 152 23.11 5.88 -6.91
C PHE B 152 23.77 6.52 -8.12
N ALA B 153 24.36 7.69 -7.93
CA ALA B 153 24.96 8.42 -9.05
C ALA B 153 26.13 7.65 -9.64
N GLU B 154 27.03 7.16 -8.79
CA GLU B 154 28.17 6.40 -9.28
C GLU B 154 27.75 5.11 -9.97
N LEU B 155 26.59 4.57 -9.59
CA LEU B 155 26.14 3.30 -10.18
C LEU B 155 25.52 3.49 -11.55
N TYR B 156 24.81 4.60 -11.77
CA TYR B 156 24.07 4.83 -13.00
C TYR B 156 24.73 5.90 -13.87
N GLY B 157 26.06 5.91 -13.91
CA GLY B 157 26.78 6.78 -14.81
C GLY B 157 26.57 8.27 -14.57
N PHE B 158 26.56 8.68 -13.30
CA PHE B 158 26.45 10.10 -12.93
C PHE B 158 27.64 10.45 -12.03
N PRO B 159 28.86 10.48 -12.60
CA PRO B 159 30.03 10.71 -11.74
C PRO B 159 30.02 12.04 -11.01
N GLU B 160 29.33 13.04 -11.57
CA GLU B 160 29.27 14.36 -10.93
C GLU B 160 28.21 14.43 -9.86
N ASN B 161 27.20 13.55 -9.90
CA ASN B 161 26.05 13.59 -8.99
C ASN B 161 25.40 14.98 -9.01
N ASP B 162 25.23 15.52 -10.21
CA ASP B 162 24.55 16.80 -10.36
C ASP B 162 23.04 16.60 -10.20
N PRO B 163 22.39 17.33 -9.30
CA PRO B 163 20.93 17.15 -9.14
C PRO B 163 20.16 17.40 -10.43
N GLU B 164 20.43 18.51 -11.11
CA GLU B 164 19.69 18.83 -12.33
C GLU B 164 19.99 17.85 -13.46
N LEU B 165 21.22 17.33 -13.51
CA LEU B 165 21.56 16.35 -14.54
C LEU B 165 20.81 15.05 -14.31
N ILE B 166 20.72 14.60 -13.06
CA ILE B 166 20.05 13.34 -12.76
C ILE B 166 18.54 13.47 -12.99
N LYS B 167 17.97 14.64 -12.68
CA LYS B 167 16.54 14.85 -12.89
C LYS B 167 16.20 14.79 -14.37
N GLU B 168 16.95 15.50 -15.20
CA GLU B 168 16.64 15.57 -16.62
C GLU B 168 16.74 14.20 -17.29
N ALA B 169 17.65 13.35 -16.83
CA ALA B 169 17.83 12.04 -17.45
C ALA B 169 16.75 11.05 -17.05
N PHE B 170 16.10 11.23 -15.91
CA PHE B 170 15.07 10.31 -15.46
C PHE B 170 13.67 10.78 -15.83
N LYS B 171 13.48 12.06 -16.15
CA LYS B 171 12.26 12.46 -16.83
C LYS B 171 12.14 11.75 -18.18
N LYS B 172 13.27 11.54 -18.85
CA LYS B 172 13.28 10.80 -20.11
C LYS B 172 12.91 9.35 -19.90
N VAL B 173 13.09 8.81 -18.70
CA VAL B 173 12.72 7.42 -18.42
C VAL B 173 11.27 7.32 -17.96
N ILE B 174 10.82 8.28 -17.14
CA ILE B 174 9.43 8.26 -16.69
C ILE B 174 8.48 8.56 -17.83
N HIS B 175 8.80 9.58 -18.64
CA HIS B 175 7.93 9.95 -19.74
C HIS B 175 7.86 8.85 -20.80
N SER B 176 8.92 8.05 -20.95
CA SER B 176 8.99 7.06 -22.01
C SER B 176 8.51 5.68 -21.55
N GLU B 177 8.98 5.23 -20.38
CA GLU B 177 8.71 3.88 -19.92
C GLU B 177 7.53 3.77 -18.96
N TYR B 178 7.08 4.89 -18.38
CA TYR B 178 5.94 4.90 -17.47
C TYR B 178 5.00 6.03 -17.90
N ALA B 179 4.29 5.82 -19.02
CA ALA B 179 3.50 6.88 -19.62
C ALA B 179 2.38 7.34 -18.71
N ASP B 180 1.69 6.40 -18.05
CA ASP B 180 0.58 6.78 -17.18
C ASP B 180 1.08 7.53 -15.95
N LEU B 181 2.28 7.18 -15.46
CA LEU B 181 2.81 7.83 -14.27
C LEU B 181 3.14 9.30 -14.56
N MSE B 182 3.64 9.59 -15.75
CA MSE B 182 4.03 10.95 -16.09
C MSE B 182 2.82 11.88 -16.17
O MSE B 182 2.85 13.01 -15.67
CB MSE B 182 4.78 10.97 -17.43
CG MSE B 182 5.32 12.33 -17.83
SE MSE B 182 6.69 12.99 -16.59
CE MSE B 182 5.74 14.54 -15.88
N GLU B 183 1.74 11.39 -16.80
CA GLU B 183 0.52 12.19 -16.89
C GLU B 183 -0.05 12.48 -15.51
N LYS B 184 0.14 11.57 -14.56
CA LYS B 184 -0.41 11.77 -13.23
C LYS B 184 0.35 12.84 -12.47
N ILE B 185 1.64 13.03 -12.76
CA ILE B 185 2.40 14.09 -12.12
C ILE B 185 1.99 15.45 -12.69
N GLU B 186 1.81 15.53 -14.00
CA GLU B 186 1.43 16.80 -14.62
C GLU B 186 0.04 17.23 -14.18
N LYS B 187 -0.91 16.30 -14.17
CA LYS B 187 -2.25 16.62 -13.68
C LYS B 187 -2.22 16.97 -12.20
N ASN B 188 -1.31 16.36 -11.43
CA ASN B 188 -1.20 16.69 -10.01
C ASN B 188 -0.65 18.10 -9.82
N ASN B 189 0.23 18.55 -10.72
CA ASN B 189 0.83 19.86 -10.59
C ASN B 189 -0.15 21.00 -10.90
N ARG B 190 -1.32 20.70 -11.45
CA ARG B 190 -2.30 21.72 -11.81
C ARG B 190 -3.12 22.18 -10.61
N LYS B 191 -2.79 21.75 -9.39
CA LYS B 191 -3.56 22.08 -8.19
C LYS B 191 -2.60 22.63 -7.13
N ASP B 192 -2.14 23.86 -7.33
CA ASP B 192 -1.28 24.54 -6.36
C ASP B 192 -1.27 26.04 -6.63
CL CL C . 43.37 -1.32 21.88
#